data_5DV7
#
_entry.id   5DV7
#
_cell.length_a   100.104
_cell.length_b   100.104
_cell.length_c   108.007
_cell.angle_alpha   90.00
_cell.angle_beta   90.00
_cell.angle_gamma   120.00
#
_symmetry.space_group_name_H-M   'P 31 1 2'
#
loop_
_entity.id
_entity.type
_entity.pdbx_description
1 polymer "RNA (5'-R(*CP*CP*AP*GP*CP*AP*UP*UP*AP*UP*GP*AP*AP*AP*GP*UP*GP*A)-3')"
2 polymer "RNA (5'-R(*UP*CP*AP*CP*UP*UP*UP*CP*AP*UP*AP*AP*UP*GP*CP*UP*GP*G)-3')"
3 polymer 'Interleukin enhancer-binding factor 3'
4 water water
#
loop_
_entity_poly.entity_id
_entity_poly.type
_entity_poly.pdbx_seq_one_letter_code
_entity_poly.pdbx_strand_id
1 'polyribonucleotide' CCAGCAUUAUGAAAGUGA A
2 'polyribonucleotide' UCACUUUCAUAAUGCUGG B
3 'polypeptide(L)'
;MRIFVNDDRHVMAKHSSVYPTQEELEAVQNMVSHTERALKAVSDWIDEQEKGNSELSEAENMDTPPDDESKEGAGEQKAE
HMTRTLRGVMRVGLVAKGLLLKGDLDLELVLLCKEKPTTALLDKVADNLAIQLTTVTEDKYEILQSVDDAAIVIKNTKEP
PLSLTIHLTSPVVREEMEKVLAGETLSVNDPPDVLDRQKCLAALASLRHAKWFQARANGLKSCVIVIRVLRDLCTRVPTW
GPLRGWPLELLCEKSIGTANRPMGAGEALRRVLECLASGIVMPDGSGIYDPCEKEATDAIGHLDRQQREDITQSAQHALR
LAAFGQLHKVLGMDPLPSKMPKKPKNENPVDYTVQIPPSTTYAITPMKRPMEEDGEEKSPSKKKKKIQKKEEKADPPQAM
NALMRLNQLKPGLQYKLISQTGPVHAPIFTMSVEVDGSNFEASGPSKKTAKLHVAVKVLQDMGLPTGAEGRDSSKGEDSA
EESDGKPAIVAPPPVVEAVSNPSSVFPSDATTEQGPILTKHGKNPVMELNEKRRGLKYELISETGGSHDKRFVMEVEVDG
QKFQGAGSNKKVAKAYAALAALEKLFPDTPLALEANKKKRTPVPVRGGPKFAAKPHNPGFGMGGPMHNEVPPPPNIRGRG
RGGNIRGRGRGRGFGGANHGGGYMNAGAGYGSYGYSSNSATAGYSDFFTDCYGYHDFGAS
;
C
#
# COMPACT_ATOMS: atom_id res chain seq x y z
N MET C 400 -14.71 2.43 9.05
CA MET C 400 -16.09 2.04 9.15
C MET C 400 -16.44 1.05 8.03
N ASN C 401 -15.82 1.21 6.86
CA ASN C 401 -16.09 0.33 5.73
C ASN C 401 -15.95 -1.15 6.08
N ALA C 402 -16.83 -2.00 5.53
CA ALA C 402 -16.72 -3.45 5.68
C ALA C 402 -15.41 -3.96 5.07
N LEU C 403 -15.12 -3.60 3.82
CA LEU C 403 -13.92 -4.08 3.17
C LEU C 403 -12.72 -3.78 4.07
N MET C 404 -12.67 -2.58 4.65
CA MET C 404 -11.51 -2.28 5.50
C MET C 404 -11.53 -3.14 6.75
N ARG C 405 -12.58 -3.02 7.53
CA ARG C 405 -12.70 -3.80 8.76
C ARG C 405 -12.54 -5.32 8.52
N LEU C 406 -13.42 -5.91 7.71
CA LEU C 406 -13.37 -7.35 7.43
C LEU C 406 -11.97 -7.78 7.09
N ASN C 407 -11.22 -6.99 6.32
CA ASN C 407 -9.90 -7.42 5.95
C ASN C 407 -8.91 -7.15 7.07
N GLN C 408 -9.30 -6.30 8.02
CA GLN C 408 -8.49 -6.11 9.21
C GLN C 408 -8.55 -7.38 10.03
N LEU C 409 -9.71 -8.02 10.02
CA LEU C 409 -9.93 -9.25 10.78
C LEU C 409 -9.71 -10.50 9.98
N LYS C 410 -9.78 -10.45 8.66
CA LYS C 410 -9.55 -11.68 7.92
C LYS C 410 -8.64 -11.41 6.76
N PRO C 411 -7.39 -11.14 7.08
CA PRO C 411 -6.37 -10.80 6.09
C PRO C 411 -6.31 -11.87 4.99
N GLY C 412 -5.86 -11.43 3.81
CA GLY C 412 -5.61 -12.33 2.70
C GLY C 412 -6.81 -13.17 2.31
N LEU C 413 -7.96 -12.55 2.22
CA LEU C 413 -9.19 -13.28 1.97
C LEU C 413 -9.64 -13.26 0.50
N GLN C 414 -10.12 -14.39 -0.02
CA GLN C 414 -10.51 -14.50 -1.45
C GLN C 414 -12.00 -14.28 -1.75
N TYR C 415 -12.30 -13.19 -2.43
CA TYR C 415 -13.65 -12.91 -2.88
C TYR C 415 -13.87 -13.48 -4.27
N LYS C 416 -15.03 -14.05 -4.53
CA LYS C 416 -15.27 -14.64 -5.85
C LYS C 416 -16.51 -14.12 -6.57
N LEU C 417 -16.37 -13.76 -7.84
CA LEU C 417 -17.53 -13.36 -8.63
C LEU C 417 -18.24 -14.58 -9.16
N ILE C 418 -19.54 -14.67 -8.91
CA ILE C 418 -20.31 -15.82 -9.31
C ILE C 418 -21.24 -15.50 -10.46
N SER C 419 -21.48 -14.23 -10.72
CA SER C 419 -22.40 -13.87 -11.80
C SER C 419 -22.46 -12.39 -12.07
N GLN C 420 -22.66 -12.04 -13.33
CA GLN C 420 -22.92 -10.66 -13.70
C GLN C 420 -24.19 -10.62 -14.51
N THR C 421 -25.24 -10.05 -13.94
CA THR C 421 -26.51 -10.00 -14.66
C THR C 421 -26.87 -8.56 -15.01
N GLY C 422 -27.96 -8.40 -15.75
CA GLY C 422 -28.43 -7.09 -16.17
C GLY C 422 -27.69 -6.52 -17.37
N PRO C 423 -28.27 -5.48 -18.01
CA PRO C 423 -27.79 -4.83 -19.24
C PRO C 423 -26.44 -4.23 -18.96
N VAL C 424 -25.62 -3.96 -19.96
CA VAL C 424 -24.33 -3.34 -19.71
C VAL C 424 -24.36 -1.98 -18.99
N HIS C 425 -25.29 -1.09 -19.34
CA HIS C 425 -25.30 0.19 -18.70
C HIS C 425 -25.76 0.07 -17.22
N ALA C 426 -26.48 -1.01 -16.88
CA ALA C 426 -26.90 -1.26 -15.50
C ALA C 426 -26.64 -2.69 -15.06
N PRO C 427 -25.37 -3.01 -14.90
CA PRO C 427 -24.90 -4.36 -14.54
C PRO C 427 -25.16 -4.68 -13.06
N ILE C 428 -25.33 -5.96 -12.76
CA ILE C 428 -25.47 -6.41 -11.39
C ILE C 428 -24.45 -7.48 -11.07
N PHE C 429 -23.54 -7.20 -10.15
CA PHE C 429 -22.49 -8.15 -9.87
C PHE C 429 -22.79 -8.85 -8.58
N THR C 430 -22.42 -10.11 -8.47
CA THR C 430 -22.63 -10.80 -7.21
C THR C 430 -21.39 -11.58 -6.78
N MET C 431 -20.96 -11.37 -5.54
CA MET C 431 -19.71 -11.92 -5.03
C MET C 431 -20.02 -12.78 -3.84
N SER C 432 -19.18 -13.75 -3.55
CA SER C 432 -19.40 -14.52 -2.35
C SER C 432 -18.05 -14.76 -1.79
N VAL C 433 -18.02 -15.09 -0.49
CA VAL C 433 -16.80 -15.36 0.23
C VAL C 433 -17.13 -16.36 1.31
N GLU C 434 -16.20 -17.28 1.60
CA GLU C 434 -16.33 -18.22 2.76
C GLU C 434 -15.44 -17.78 3.91
N VAL C 435 -16.04 -17.71 5.09
CA VAL C 435 -15.34 -17.24 6.25
C VAL C 435 -15.84 -18.02 7.43
N ASP C 436 -14.95 -18.49 8.29
CA ASP C 436 -15.35 -19.27 9.46
C ASP C 436 -16.30 -20.41 9.09
N GLY C 437 -16.13 -20.95 7.89
CA GLY C 437 -17.02 -22.00 7.41
C GLY C 437 -18.36 -21.58 6.82
N SER C 438 -18.68 -20.29 6.86
CA SER C 438 -19.94 -19.86 6.28
C SER C 438 -19.71 -19.12 4.95
N ASN C 439 -20.53 -19.42 3.94
CA ASN C 439 -20.43 -18.80 2.62
C ASN C 439 -21.49 -17.72 2.46
N PHE C 440 -21.08 -16.46 2.29
CA PHE C 440 -22.04 -15.37 2.10
C PHE C 440 -22.08 -14.85 0.69
N GLU C 441 -23.26 -14.54 0.19
CA GLU C 441 -23.38 -13.97 -1.15
C GLU C 441 -24.14 -12.64 -1.17
N ALA C 442 -23.55 -11.57 -1.72
CA ALA C 442 -24.25 -10.29 -1.83
C ALA C 442 -24.08 -9.70 -3.22
N SER C 443 -25.04 -8.94 -3.71
CA SER C 443 -24.86 -8.34 -5.02
C SER C 443 -24.77 -6.82 -4.90
N GLY C 444 -24.10 -6.20 -5.87
CA GLY C 444 -23.91 -4.76 -5.94
C GLY C 444 -23.80 -4.28 -7.37
N PRO C 445 -23.98 -2.97 -7.60
CA PRO C 445 -23.99 -2.30 -8.89
C PRO C 445 -22.68 -2.43 -9.62
N SER C 446 -21.60 -2.61 -8.86
CA SER C 446 -20.28 -2.79 -9.44
C SER C 446 -19.50 -3.81 -8.63
N LYS C 447 -18.30 -4.15 -9.10
CA LYS C 447 -17.50 -5.18 -8.46
C LYS C 447 -16.98 -4.70 -7.11
N LYS C 448 -16.46 -3.47 -7.11
CA LYS C 448 -16.03 -2.79 -5.89
C LYS C 448 -17.06 -2.86 -4.78
N THR C 449 -18.31 -2.48 -5.08
CA THR C 449 -19.35 -2.34 -4.06
C THR C 449 -19.95 -3.68 -3.69
N ALA C 450 -20.22 -4.51 -4.69
CA ALA C 450 -20.75 -5.81 -4.39
C ALA C 450 -19.95 -6.38 -3.22
N LYS C 451 -18.64 -6.24 -3.26
CA LYS C 451 -17.85 -6.76 -2.16
C LYS C 451 -18.21 -6.06 -0.87
N LEU C 452 -18.32 -4.72 -0.85
CA LEU C 452 -18.66 -4.04 0.42
C LEU C 452 -19.91 -4.74 0.93
N HIS C 453 -20.91 -4.83 0.08
CA HIS C 453 -22.17 -5.40 0.51
C HIS C 453 -22.04 -6.78 1.14
N VAL C 454 -21.06 -7.58 0.74
CA VAL C 454 -20.89 -8.92 1.31
C VAL C 454 -20.19 -8.80 2.64
N ALA C 455 -19.13 -8.03 2.64
CA ALA C 455 -18.38 -7.86 3.84
C ALA C 455 -19.31 -7.30 4.91
N VAL C 456 -20.23 -6.43 4.53
CA VAL C 456 -21.20 -5.93 5.51
C VAL C 456 -21.94 -7.11 6.09
N LYS C 457 -22.40 -8.00 5.21
CA LYS C 457 -23.23 -9.09 5.64
C LYS C 457 -22.41 -9.97 6.60
N VAL C 458 -21.16 -10.25 6.26
CA VAL C 458 -20.26 -10.96 7.17
C VAL C 458 -20.16 -10.30 8.55
N LEU C 459 -19.86 -9.01 8.58
CA LEU C 459 -19.62 -8.37 9.87
C LEU C 459 -20.91 -8.48 10.73
N GLN C 460 -22.06 -8.28 10.17
CA GLN C 460 -23.34 -8.45 10.85
C GLN C 460 -23.42 -9.72 11.67
N ASP C 461 -22.86 -10.81 11.12
CA ASP C 461 -22.85 -12.13 11.73
C ASP C 461 -21.89 -12.15 12.90
N MET C 462 -20.82 -11.37 12.81
CA MET C 462 -19.76 -11.46 13.79
C MET C 462 -19.96 -10.55 14.98
N GLY C 463 -20.92 -9.63 14.92
CA GLY C 463 -21.06 -8.69 16.02
C GLY C 463 -21.73 -7.36 15.72
N LEU C 464 -21.11 -6.51 14.92
CA LEU C 464 -21.69 -5.19 14.62
C LEU C 464 -21.71 -4.88 13.12
N PRO C 516 13.01 -5.93 -1.80
CA PRO C 516 13.11 -4.56 -1.32
C PRO C 516 14.55 -4.17 -0.99
N ILE C 517 14.90 -2.93 -1.31
CA ILE C 517 16.22 -2.36 -1.00
C ILE C 517 16.57 -2.46 0.49
N LEU C 518 17.76 -2.97 0.80
CA LEU C 518 18.21 -3.09 2.20
C LEU C 518 19.69 -2.76 2.40
N THR C 519 20.11 -2.63 3.65
CA THR C 519 21.49 -2.36 3.99
C THR C 519 22.18 -3.58 4.57
N LYS C 520 23.51 -3.57 4.50
CA LYS C 520 24.33 -4.69 4.98
C LYS C 520 23.86 -5.22 6.31
N HIS C 521 23.51 -4.30 7.21
CA HIS C 521 22.95 -4.67 8.51
C HIS C 521 21.62 -5.41 8.35
N GLY C 522 21.26 -5.73 7.11
CA GLY C 522 20.01 -6.39 6.80
C GLY C 522 18.81 -5.57 7.18
N LYS C 523 18.94 -4.25 7.12
CA LYS C 523 17.86 -3.37 7.50
C LYS C 523 17.56 -2.40 6.38
N ASN C 524 16.36 -1.81 6.40
CA ASN C 524 16.03 -0.72 5.52
C ASN C 524 16.86 0.47 5.96
N PRO C 525 17.33 1.30 5.02
CA PRO C 525 18.18 2.43 5.43
C PRO C 525 17.43 3.51 6.19
N VAL C 526 16.19 3.74 5.83
CA VAL C 526 15.47 4.85 6.45
C VAL C 526 15.26 4.67 7.95
N MET C 527 15.39 3.45 8.47
CA MET C 527 15.38 3.28 9.93
C MET C 527 16.76 3.65 10.44
N GLU C 528 17.76 2.99 9.86
CA GLU C 528 19.13 3.20 10.26
C GLU C 528 19.41 4.71 10.28
N LEU C 529 19.11 5.39 9.19
CA LEU C 529 19.27 6.84 9.13
C LEU C 529 18.65 7.52 10.36
N ASN C 530 17.42 7.18 10.70
CA ASN C 530 16.76 7.89 11.79
C ASN C 530 17.37 7.49 13.12
N GLU C 531 17.94 6.29 13.18
CA GLU C 531 18.60 5.82 14.38
C GLU C 531 19.83 6.67 14.71
N LYS C 532 20.58 7.04 13.68
CA LYS C 532 21.82 7.80 13.85
C LYS C 532 21.61 9.33 13.93
N ARG C 533 20.90 9.90 12.95
CA ARG C 533 20.49 11.30 13.03
C ARG C 533 18.98 11.45 13.14
N ARG C 534 18.48 11.27 14.37
CA ARG C 534 17.07 11.38 14.64
C ARG C 534 16.53 12.78 14.28
N GLY C 535 15.62 12.83 13.32
CA GLY C 535 15.00 14.09 12.93
C GLY C 535 15.43 14.65 11.59
N LEU C 536 16.35 13.96 10.92
CA LEU C 536 16.74 14.37 9.58
C LEU C 536 15.46 14.62 8.77
N LYS C 537 15.53 15.55 7.83
CA LYS C 537 14.39 15.85 6.96
C LYS C 537 14.75 15.51 5.53
N TYR C 538 13.81 14.92 4.79
CA TYR C 538 14.07 14.60 3.38
C TYR C 538 13.36 15.63 2.51
N GLU C 539 13.82 15.83 1.27
CA GLU C 539 13.15 16.83 0.43
C GLU C 539 13.04 16.42 -1.04
N LEU C 540 11.81 16.47 -1.57
CA LEU C 540 11.54 16.08 -2.96
C LEU C 540 12.17 17.07 -3.89
N ILE C 541 13.14 16.61 -4.67
CA ILE C 541 13.87 17.48 -5.59
C ILE C 541 13.34 17.45 -7.02
N SER C 542 12.92 16.27 -7.49
CA SER C 542 12.31 16.17 -8.82
C SER C 542 11.21 15.12 -8.81
N GLU C 543 10.19 15.33 -9.64
CA GLU C 543 9.11 14.37 -9.80
C GLU C 543 8.74 14.44 -11.25
N THR C 544 8.81 13.33 -11.97
CA THR C 544 8.61 13.46 -13.39
C THR C 544 7.65 12.46 -13.96
N GLY C 545 6.79 12.95 -14.84
CA GLY C 545 5.87 12.11 -15.58
C GLY C 545 4.45 12.56 -15.37
N GLY C 546 3.63 11.65 -14.89
CA GLY C 546 2.25 11.95 -14.58
C GLY C 546 1.30 11.02 -15.31
N SER C 547 1.79 9.88 -15.79
CA SER C 547 0.93 8.95 -16.50
C SER C 547 1.35 7.53 -16.21
N HIS C 548 2.52 7.15 -16.72
CA HIS C 548 3.04 5.81 -16.49
C HIS C 548 4.32 5.84 -15.66
N ASP C 549 5.47 6.03 -16.30
CA ASP C 549 6.75 6.01 -15.58
C ASP C 549 6.94 7.30 -14.80
N LYS C 550 7.26 7.18 -13.51
CA LYS C 550 7.42 8.37 -12.68
C LYS C 550 8.65 8.23 -11.84
N ARG C 551 9.61 9.14 -12.00
CA ARG C 551 10.84 9.10 -11.23
C ARG C 551 10.87 10.26 -10.25
N PHE C 552 11.14 9.96 -8.98
CA PHE C 552 11.27 10.97 -7.94
C PHE C 552 12.73 11.11 -7.51
N VAL C 553 13.18 12.32 -7.19
CA VAL C 553 14.55 12.47 -6.74
C VAL C 553 14.59 13.31 -5.47
N MET C 554 14.70 12.65 -4.32
CA MET C 554 14.73 13.34 -3.04
C MET C 554 16.14 13.71 -2.61
N GLU C 555 16.28 14.46 -1.52
CA GLU C 555 17.61 14.89 -1.03
C GLU C 555 17.67 15.05 0.47
N VAL C 556 18.54 14.28 1.10
CA VAL C 556 18.76 14.38 2.53
C VAL C 556 20.20 14.80 2.83
N GLU C 557 20.34 15.92 3.55
CA GLU C 557 21.65 16.44 3.94
C GLU C 557 21.92 16.14 5.40
N VAL C 558 23.05 15.47 5.66
CA VAL C 558 23.44 15.13 7.00
C VAL C 558 24.24 16.27 7.63
N ASP C 559 23.54 17.16 8.32
CA ASP C 559 24.17 18.30 8.99
C ASP C 559 25.18 19.01 8.06
N GLY C 560 26.18 18.26 7.60
CA GLY C 560 27.19 18.77 6.69
C GLY C 560 27.20 18.08 5.34
N GLN C 561 26.98 16.77 5.35
CA GLN C 561 26.99 16.01 4.11
C GLN C 561 25.56 15.84 3.58
N LYS C 562 25.40 15.89 2.26
CA LYS C 562 24.08 15.70 1.66
C LYS C 562 24.06 14.52 0.70
N PHE C 563 22.89 13.92 0.52
CA PHE C 563 22.74 12.80 -0.39
C PHE C 563 21.45 12.88 -1.19
N GLN C 564 21.43 12.18 -2.32
CA GLN C 564 20.28 12.21 -3.22
C GLN C 564 20.06 10.84 -3.82
N GLY C 565 18.81 10.51 -4.15
CA GLY C 565 18.47 9.23 -4.77
C GLY C 565 17.18 9.27 -5.56
N ALA C 566 17.13 8.55 -6.68
CA ALA C 566 15.95 8.51 -7.54
C ALA C 566 15.25 7.16 -7.46
N GLY C 567 13.94 7.13 -7.72
CA GLY C 567 13.18 5.91 -7.65
C GLY C 567 11.80 6.05 -8.28
N SER C 568 11.10 4.93 -8.45
CA SER C 568 9.78 4.94 -9.04
C SER C 568 8.71 5.37 -8.03
N ASN C 569 8.94 5.07 -6.76
CA ASN C 569 8.04 5.49 -5.70
C ASN C 569 8.78 6.54 -4.94
N LYS C 570 8.09 7.35 -4.16
CA LYS C 570 8.82 8.40 -3.44
C LYS C 570 9.53 7.67 -2.34
N LYS C 571 8.83 6.74 -1.73
CA LYS C 571 9.43 5.99 -0.64
C LYS C 571 10.76 5.39 -1.10
N VAL C 572 10.79 4.80 -2.30
CA VAL C 572 12.01 4.20 -2.86
C VAL C 572 13.14 5.19 -3.18
N ALA C 573 12.81 6.28 -3.87
CA ALA C 573 13.76 7.35 -4.12
C ALA C 573 14.37 7.86 -2.81
N LYS C 574 13.55 7.96 -1.77
CA LYS C 574 14.03 8.38 -0.46
C LYS C 574 15.07 7.39 0.12
N ALA C 575 14.74 6.09 0.13
CA ALA C 575 15.61 5.07 0.69
C ALA C 575 16.97 5.13 0.01
N TYR C 576 16.99 5.08 -1.31
CA TYR C 576 18.25 5.16 -2.05
C TYR C 576 19.11 6.34 -1.64
N ALA C 577 18.48 7.50 -1.45
CA ALA C 577 19.15 8.69 -0.94
C ALA C 577 19.76 8.42 0.44
N ALA C 578 19.06 7.65 1.27
CA ALA C 578 19.63 7.25 2.56
C ALA C 578 20.81 6.31 2.37
N LEU C 579 20.57 5.13 1.80
CA LEU C 579 21.64 4.15 1.57
C LEU C 579 22.92 4.85 1.13
N ALA C 580 22.83 5.69 0.10
CA ALA C 580 24.00 6.38 -0.42
C ALA C 580 24.72 7.16 0.67
N ALA C 581 23.97 7.97 1.41
CA ALA C 581 24.54 8.75 2.50
C ALA C 581 25.21 7.84 3.53
N LEU C 582 24.55 6.74 3.86
CA LEU C 582 25.07 5.82 4.86
C LEU C 582 26.35 5.13 4.37
N GLU C 583 26.24 4.35 3.30
CA GLU C 583 27.39 3.65 2.72
C GLU C 583 28.64 4.54 2.70
N LYS C 584 28.43 5.80 2.34
CA LYS C 584 29.49 6.71 1.96
C LYS C 584 30.18 7.36 3.13
N LEU C 585 29.46 7.51 4.23
CA LEU C 585 29.98 8.22 5.38
C LEU C 585 30.31 7.32 6.58
N PHE C 586 29.38 6.44 6.94
CA PHE C 586 29.51 5.65 8.16
C PHE C 586 30.43 4.41 8.19
N PRO C 587 30.17 3.43 7.31
CA PRO C 587 30.90 2.16 7.30
C PRO C 587 32.37 2.34 7.00
#